data_3IM4
#
_entry.id   3IM4
#
_cell.length_a   40.400
_cell.length_b   56.020
_cell.length_c   56.990
_cell.angle_alpha   90.00
_cell.angle_beta   90.00
_cell.angle_gamma   90.00
#
_symmetry.space_group_name_H-M   'P 21 21 21'
#
loop_
_entity.id
_entity.type
_entity.pdbx_description
1 polymer 'cAMP-dependent protein kinase type I-alpha regulatory subunit'
2 polymer 'Dual specificity A kinase-anchoring protein 2'
3 non-polymer 'ZINC ION'
4 water water
#
loop_
_entity_poly.entity_id
_entity_poly.type
_entity_poly.pdbx_seq_one_letter_code
_entity_poly.pdbx_strand_id
1 'polypeptide(L)' SLRECELYVQKHNIQALLKDSIVQLCTARPERPMAFLREYFEKLEKEEAK A,B
2 'polypeptide(L)' GSPEFVQGNTDEAQEELAWKIAKMIVSDVMQQAQYDQPLEKSTKL C
#
# COMPACT_ATOMS: atom_id res chain seq x y z
N SER A 1 -13.88 0.73 -13.82
CA SER A 1 -13.19 0.29 -15.02
C SER A 1 -11.68 0.16 -14.80
N LEU A 2 -10.98 -0.36 -15.80
CA LEU A 2 -9.54 -0.54 -15.72
C LEU A 2 -8.80 0.75 -16.02
N ARG A 3 -9.36 1.54 -16.94
CA ARG A 3 -8.77 2.82 -17.31
C ARG A 3 -8.97 3.88 -16.24
N GLU A 4 -10.09 3.79 -15.52
CA GLU A 4 -10.37 4.74 -14.45
C GLU A 4 -9.40 4.50 -13.29
N CYS A 5 -9.05 3.23 -13.07
CA CYS A 5 -8.11 2.85 -12.02
CA CYS A 5 -8.12 2.85 -12.03
C CYS A 5 -6.69 3.32 -12.36
N GLU A 6 -6.29 3.12 -13.61
CA GLU A 6 -4.97 3.54 -14.05
C GLU A 6 -4.86 5.04 -13.86
N LEU A 7 -5.88 5.76 -14.31
CA LEU A 7 -5.92 7.21 -14.19
C LEU A 7 -5.78 7.64 -12.74
N TYR A 8 -6.53 6.97 -11.86
CA TYR A 8 -6.56 7.36 -10.46
C TYR A 8 -5.19 7.19 -9.84
N VAL A 9 -4.56 6.07 -10.14
CA VAL A 9 -3.24 5.77 -9.62
C VAL A 9 -2.25 6.86 -10.00
N GLN A 10 -2.26 7.25 -11.27
CA GLN A 10 -1.37 8.29 -11.75
C GLN A 10 -1.62 9.64 -11.09
N LYS A 11 -2.87 10.09 -11.14
CA LYS A 11 -3.23 11.42 -10.67
C LYS A 11 -2.98 11.60 -9.18
N HIS A 12 -3.05 10.52 -8.42
CA HIS A 12 -2.87 10.60 -6.97
C HIS A 12 -1.58 9.96 -6.47
N ASN A 13 -0.60 9.83 -7.35
CA ASN A 13 0.69 9.27 -6.99
C ASN A 13 0.62 8.05 -6.07
N ILE A 14 -0.33 7.15 -6.34
CA ILE A 14 -0.47 5.94 -5.55
C ILE A 14 0.79 5.08 -5.57
N GLN A 15 1.51 5.04 -6.68
CA GLN A 15 2.72 4.22 -6.74
C GLN A 15 3.78 4.69 -5.75
N ALA A 16 3.98 6.01 -5.66
CA ALA A 16 4.93 6.58 -4.73
C ALA A 16 4.46 6.41 -3.28
N LEU A 17 3.14 6.47 -3.10
CA LEU A 17 2.54 6.20 -1.80
C LEU A 17 2.88 4.79 -1.30
N LEU A 18 2.75 3.80 -2.18
CA LEU A 18 3.14 2.42 -1.85
C LEU A 18 4.61 2.33 -1.52
N LYS A 19 5.43 2.99 -2.34
CA LYS A 19 6.86 2.96 -2.14
C LYS A 19 7.20 3.45 -0.73
N ASP A 20 6.64 4.57 -0.33
CA ASP A 20 6.92 5.14 0.98
C ASP A 20 6.44 4.20 2.09
N SER A 21 5.29 3.56 1.88
CA SER A 21 4.74 2.69 2.90
C SER A 21 5.60 1.43 3.04
N ILE A 22 6.15 0.95 1.94
CA ILE A 22 7.03 -0.22 1.97
C ILE A 22 8.36 0.14 2.64
N VAL A 23 8.90 1.30 2.32
CA VAL A 23 10.10 1.79 2.98
C VAL A 23 9.91 1.78 4.49
N GLN A 24 8.77 2.28 4.95
CA GLN A 24 8.48 2.33 6.38
C GLN A 24 8.40 0.92 6.93
N LEU A 25 7.62 0.09 6.24
CA LEU A 25 7.42 -1.29 6.67
C LEU A 25 8.76 -2.01 6.89
N CYS A 26 9.69 -1.84 5.96
CA CYS A 26 11.00 -2.50 6.03
C CYS A 26 11.93 -1.92 7.11
N THR A 27 11.71 -0.67 7.47
CA THR A 27 12.48 -0.08 8.57
C THR A 27 11.96 -0.64 9.89
N ALA A 28 10.65 -0.78 9.99
CA ALA A 28 10.03 -1.20 11.24
C ALA A 28 9.92 -2.73 11.38
N ARG A 29 9.57 -3.40 10.29
CA ARG A 29 9.30 -4.84 10.31
C ARG A 29 8.48 -5.18 11.55
N PRO A 30 7.24 -4.67 11.59
CA PRO A 30 6.41 -4.76 12.80
C PRO A 30 5.91 -6.18 13.00
N GLU A 31 5.76 -6.57 14.26
CA GLU A 31 5.02 -7.77 14.61
C GLU A 31 3.71 -7.79 13.83
N ARG A 32 3.04 -6.64 13.79
CA ARG A 32 1.69 -6.52 13.22
C ARG A 32 1.58 -5.44 12.14
N PRO A 33 1.77 -5.82 10.87
CA PRO A 33 1.86 -4.82 9.80
C PRO A 33 0.55 -4.05 9.53
N MET A 34 -0.61 -4.66 9.77
CA MET A 34 -1.91 -3.97 9.60
C MET A 34 -2.05 -2.82 10.59
N ALA A 35 -1.77 -3.10 11.85
CA ALA A 35 -1.80 -2.08 12.88
C ALA A 35 -0.84 -0.95 12.49
N PHE A 36 0.33 -1.34 12.00
CA PHE A 36 1.35 -0.37 11.61
C PHE A 36 0.91 0.47 10.40
N LEU A 37 0.35 -0.18 9.40
CA LEU A 37 -0.16 0.53 8.22
C LEU A 37 -1.31 1.46 8.60
N ARG A 38 -2.17 1.00 9.50
CA ARG A 38 -3.23 1.86 10.02
C ARG A 38 -2.67 3.16 10.58
N GLU A 39 -1.69 3.04 11.48
CA GLU A 39 -1.10 4.21 12.15
C GLU A 39 -0.36 5.08 11.16
N TYR A 40 0.31 4.45 10.21
CA TYR A 40 1.06 5.18 9.22
C TYR A 40 0.13 6.07 8.39
N PHE A 41 -0.98 5.50 7.91
CA PHE A 41 -1.94 6.28 7.13
C PHE A 41 -2.71 7.26 7.97
N GLU A 42 -3.04 6.86 9.20
CA GLU A 42 -3.66 7.79 10.13
C GLU A 42 -2.79 9.03 10.26
N LYS A 43 -1.48 8.82 10.38
CA LYS A 43 -0.57 9.95 10.55
C LYS A 43 -0.63 10.85 9.32
N LEU A 44 -0.58 10.24 8.14
CA LEU A 44 -0.63 10.99 6.88
C LEU A 44 -1.99 11.66 6.64
N GLU A 45 -3.07 11.04 7.09
CA GLU A 45 -4.38 11.67 6.98
C GLU A 45 -4.41 12.97 7.78
N LYS A 46 -3.76 12.96 8.94
CA LYS A 46 -3.76 14.12 9.84
C LYS A 46 -2.96 15.25 9.24
N GLU A 47 -1.88 14.92 8.54
CA GLU A 47 -1.11 15.94 7.83
C GLU A 47 -2.00 16.62 6.79
N GLU A 48 -2.70 15.83 5.99
CA GLU A 48 -3.55 16.35 4.91
C GLU A 48 -4.84 16.96 5.43
N ALA A 49 -4.94 17.16 6.74
CA ALA A 49 -6.15 17.74 7.31
C ALA A 49 -5.85 19.08 7.95
N LYS A 50 -4.62 19.23 8.45
CA LYS A 50 -4.18 20.48 9.06
C LYS A 50 -2.66 20.60 9.01
N SER B 1 19.16 -4.88 7.02
CA SER B 1 19.70 -5.08 5.68
C SER B 1 18.59 -5.13 4.64
N LEU B 2 18.98 -5.19 3.37
CA LEU B 2 18.03 -5.29 2.29
C LEU B 2 17.38 -6.67 2.29
N ARG B 3 18.19 -7.70 2.51
CA ARG B 3 17.71 -9.08 2.50
C ARG B 3 16.65 -9.34 3.57
N GLU B 4 16.82 -8.70 4.72
CA GLU B 4 15.85 -8.80 5.81
C GLU B 4 14.54 -8.15 5.45
N CYS B 5 14.61 -7.13 4.58
CA CYS B 5 13.43 -6.43 4.10
C CYS B 5 12.67 -7.27 3.07
N GLU B 6 13.39 -7.79 2.08
CA GLU B 6 12.80 -8.71 1.11
C GLU B 6 12.13 -9.87 1.83
N LEU B 7 12.88 -10.47 2.76
CA LEU B 7 12.38 -11.60 3.53
C LEU B 7 11.10 -11.25 4.28
N TYR B 8 11.15 -10.18 5.08
CA TYR B 8 9.97 -9.72 5.79
C TYR B 8 8.79 -9.56 4.82
N VAL B 9 9.00 -8.87 3.70
CA VAL B 9 7.95 -8.65 2.70
C VAL B 9 7.33 -9.95 2.20
N GLN B 10 8.15 -10.96 1.96
CA GLN B 10 7.64 -12.23 1.47
C GLN B 10 6.94 -12.99 2.59
N LYS B 11 7.64 -13.12 3.72
CA LYS B 11 7.12 -13.87 4.86
C LYS B 11 5.78 -13.34 5.33
N HIS B 12 5.60 -12.04 5.28
CA HIS B 12 4.39 -11.45 5.82
C HIS B 12 3.36 -11.09 4.75
N ASN B 13 3.56 -11.60 3.54
CA ASN B 13 2.59 -11.45 2.46
CA ASN B 13 2.54 -11.45 2.51
C ASN B 13 2.26 -9.99 2.21
N ILE B 14 3.24 -9.13 2.48
CA ILE B 14 3.10 -7.70 2.33
C ILE B 14 2.56 -7.28 0.96
N GLN B 15 3.08 -7.90 -0.09
CA GLN B 15 2.70 -7.49 -1.44
C GLN B 15 1.20 -7.64 -1.71
N ALA B 16 0.67 -8.84 -1.45
CA ALA B 16 -0.75 -9.10 -1.64
C ALA B 16 -1.60 -8.21 -0.72
N LEU B 17 -1.12 -8.01 0.50
CA LEU B 17 -1.81 -7.18 1.47
C LEU B 17 -1.98 -5.77 0.91
N LEU B 18 -0.88 -5.16 0.47
CA LEU B 18 -0.94 -3.83 -0.11
C LEU B 18 -1.78 -3.82 -1.39
N LYS B 19 -1.55 -4.78 -2.27
CA LYS B 19 -2.31 -4.89 -3.52
C LYS B 19 -3.83 -4.91 -3.27
N ASP B 20 -4.25 -5.70 -2.29
CA ASP B 20 -5.67 -5.80 -1.99
C ASP B 20 -6.24 -4.43 -1.61
N SER B 21 -5.46 -3.65 -0.88
CA SER B 21 -5.92 -2.34 -0.42
C SER B 21 -6.04 -1.35 -1.58
N ILE B 22 -5.16 -1.49 -2.56
CA ILE B 22 -5.17 -0.58 -3.71
C ILE B 22 -6.31 -0.93 -4.66
N VAL B 23 -6.57 -2.22 -4.81
CA VAL B 23 -7.72 -2.66 -5.59
C VAL B 23 -9.00 -2.04 -5.03
N GLN B 24 -9.17 -2.10 -3.71
CA GLN B 24 -10.31 -1.45 -3.08
C GLN B 24 -10.24 0.05 -3.35
N LEU B 25 -9.05 0.60 -3.23
CA LEU B 25 -8.87 2.03 -3.45
C LEU B 25 -9.31 2.45 -4.85
N CYS B 26 -9.05 1.58 -5.83
CA CYS B 26 -9.38 1.86 -7.23
C CYS B 26 -10.87 1.74 -7.53
N THR B 27 -11.59 1.04 -6.68
CA THR B 27 -13.03 0.89 -6.83
C THR B 27 -13.72 2.11 -6.24
N ALA B 28 -13.27 2.50 -5.05
CA ALA B 28 -13.83 3.65 -4.36
C ALA B 28 -13.42 4.97 -5.02
N ARG B 29 -12.16 5.05 -5.42
CA ARG B 29 -11.57 6.31 -5.91
C ARG B 29 -11.98 7.51 -5.06
N PRO B 30 -11.57 7.50 -3.79
CA PRO B 30 -12.01 8.51 -2.82
C PRO B 30 -11.35 9.83 -3.13
N GLU B 31 -11.94 10.93 -2.68
CA GLU B 31 -11.25 12.19 -2.73
C GLU B 31 -10.10 12.24 -1.69
N ARG B 32 -10.17 11.36 -0.68
CA ARG B 32 -9.14 11.31 0.37
C ARG B 32 -8.51 9.93 0.49
N PRO B 33 -7.56 9.61 -0.40
CA PRO B 33 -6.90 8.31 -0.39
C PRO B 33 -6.35 7.91 0.98
N MET B 34 -5.69 8.83 1.70
CA MET B 34 -5.06 8.52 2.98
C MET B 34 -6.10 8.06 3.99
N ALA B 35 -7.18 8.82 4.09
CA ALA B 35 -8.26 8.52 5.01
C ALA B 35 -8.84 7.14 4.70
N PHE B 36 -8.91 6.80 3.43
CA PHE B 36 -9.55 5.54 3.02
C PHE B 36 -8.67 4.37 3.43
N LEU B 37 -7.39 4.47 3.13
CA LEU B 37 -6.43 3.42 3.46
C LEU B 37 -6.34 3.25 4.99
N ARG B 38 -6.31 4.37 5.69
CA ARG B 38 -6.43 4.35 7.15
C ARG B 38 -7.63 3.50 7.58
N GLU B 39 -8.83 3.83 7.09
CA GLU B 39 -10.03 3.06 7.42
C GLU B 39 -9.91 1.61 6.94
N TYR B 40 -9.35 1.41 5.75
CA TYR B 40 -9.15 0.07 5.25
C TYR B 40 -8.34 -0.79 6.24
N PHE B 41 -7.19 -0.28 6.68
CA PHE B 41 -6.32 -1.08 7.54
C PHE B 41 -6.82 -1.15 8.98
N GLU B 42 -7.49 -0.09 9.44
CA GLU B 42 -8.17 -0.16 10.73
C GLU B 42 -9.06 -1.39 10.80
N LYS B 43 -9.80 -1.64 9.72
CA LYS B 43 -10.70 -2.79 9.67
C LYS B 43 -9.94 -4.12 9.71
N LEU B 44 -8.89 -4.25 8.90
CA LEU B 44 -8.06 -5.44 8.92
C LEU B 44 -7.28 -5.60 10.23
N GLU B 45 -6.85 -4.47 10.80
CA GLU B 45 -6.20 -4.47 12.12
C GLU B 45 -7.09 -5.11 13.18
N LYS B 46 -8.34 -4.69 13.23
CA LYS B 46 -9.27 -5.17 14.26
C LYS B 46 -9.45 -6.69 14.25
N GLU B 47 -9.18 -7.32 13.10
CA GLU B 47 -9.24 -8.77 13.01
C GLU B 47 -7.84 -9.39 13.09
N GLU B 48 -6.83 -8.54 13.23
CA GLU B 48 -5.46 -8.98 13.44
C GLU B 48 -5.27 -9.30 14.92
N ALA B 49 -5.89 -8.50 15.78
CA ALA B 49 -5.84 -8.71 17.22
C ALA B 49 -7.20 -9.11 17.76
N ASP C 11 20.47 2.36 2.49
CA ASP C 11 19.31 3.25 2.51
C ASP C 11 18.76 3.47 1.11
N GLU C 12 19.64 3.81 0.18
CA GLU C 12 19.23 3.94 -1.22
C GLU C 12 18.91 2.56 -1.76
N ALA C 13 19.63 1.56 -1.26
CA ALA C 13 19.31 0.17 -1.55
C ALA C 13 17.86 -0.11 -1.14
N GLN C 14 17.48 0.34 0.05
CA GLN C 14 16.12 0.14 0.54
C GLN C 14 15.10 0.75 -0.42
N GLU C 15 15.24 2.05 -0.66
CA GLU C 15 14.28 2.79 -1.49
C GLU C 15 14.17 2.20 -2.90
N GLU C 16 15.31 1.80 -3.45
CA GLU C 16 15.35 1.13 -4.74
C GLU C 16 14.51 -0.14 -4.73
N LEU C 17 14.59 -0.87 -3.63
CA LEU C 17 13.84 -2.11 -3.46
C LEU C 17 12.35 -1.83 -3.25
N ALA C 18 12.06 -0.78 -2.49
CA ALA C 18 10.68 -0.39 -2.26
C ALA C 18 9.99 -0.01 -3.58
N TRP C 19 10.72 0.69 -4.46
CA TRP C 19 10.19 1.04 -5.77
C TRP C 19 9.86 -0.20 -6.59
N LYS C 20 10.80 -1.14 -6.62
CA LYS C 20 10.61 -2.40 -7.34
C LYS C 20 9.34 -3.06 -6.86
N ILE C 21 9.25 -3.29 -5.55
CA ILE C 21 8.05 -3.91 -4.98
C ILE C 21 6.77 -3.12 -5.28
N ALA C 22 6.81 -1.80 -5.16
CA ALA C 22 5.62 -0.99 -5.42
C ALA C 22 5.16 -1.12 -6.88
N LYS C 23 6.10 -1.10 -7.82
CA LYS C 23 5.75 -1.29 -9.23
C LYS C 23 5.16 -2.68 -9.49
N MET C 24 5.61 -3.66 -8.71
CA MET C 24 5.06 -5.01 -8.77
C MET C 24 3.60 -5.00 -8.35
N ILE C 25 3.33 -4.37 -7.22
CA ILE C 25 1.96 -4.27 -6.72
C ILE C 25 1.07 -3.54 -7.73
N VAL C 26 1.59 -2.48 -8.33
CA VAL C 26 0.79 -1.69 -9.27
C VAL C 26 0.40 -2.55 -10.49
N SER C 27 1.33 -3.37 -10.95
CA SER C 27 1.04 -4.34 -12.02
C SER C 27 -0.09 -5.28 -11.65
N ASP C 28 0.07 -5.98 -10.53
CA ASP C 28 -0.93 -6.92 -10.07
C ASP C 28 -2.28 -6.23 -9.85
N VAL C 29 -2.24 -4.96 -9.46
CA VAL C 29 -3.48 -4.20 -9.30
C VAL C 29 -4.17 -3.97 -10.64
N MET C 30 -3.42 -3.52 -11.64
CA MET C 30 -3.99 -3.33 -12.97
C MET C 30 -4.55 -4.63 -13.53
N GLN C 31 -3.85 -5.74 -13.32
CA GLN C 31 -4.30 -7.04 -13.78
C GLN C 31 -5.64 -7.41 -13.16
N GLN C 32 -5.71 -7.37 -11.83
CA GLN C 32 -6.94 -7.68 -11.11
C GLN C 32 -8.09 -6.73 -11.48
N ALA C 33 -7.75 -5.59 -12.07
CA ALA C 33 -8.75 -4.59 -12.45
C ALA C 33 -9.27 -4.83 -13.86
N GLN C 34 -8.57 -5.67 -14.62
CA GLN C 34 -9.05 -6.10 -15.92
C GLN C 34 -9.95 -7.31 -15.77
N TYR C 35 -9.68 -8.13 -14.74
CA TYR C 35 -10.44 -9.34 -14.50
C TYR C 35 -11.83 -9.04 -13.97
N ASP C 36 -11.99 -7.87 -13.35
CA ASP C 36 -13.25 -7.48 -12.74
C ASP C 36 -14.10 -6.59 -13.66
N GLN C 37 -13.44 -5.79 -14.49
CA GLN C 37 -14.14 -4.91 -15.44
C GLN C 37 -13.16 -4.07 -16.24
#